data_6W3K
#
_entry.id   6W3K
#
_cell.length_a   73.513
_cell.length_b   112.761
_cell.length_c   67.892
_cell.angle_alpha   90.000
_cell.angle_beta   119.580
_cell.angle_gamma   90.000
#
_symmetry.space_group_name_H-M   'C 1 2 1'
#
loop_
_entity.id
_entity.type
_entity.pdbx_description
1 polymer 'Serine/threonine-protein kinase/endoribonuclease IRE1'
2 non-polymer 4-[5-[2,6-bis(fluoranyl)phenyl]-2~{H}-pyrazolo[3,4-b]pyridin-3-yl]-2-(4-oxidanylpiperidin-1-yl)-1~{H}-pyrimidin-6-one
3 water water
#
_entity_poly.entity_id   1
_entity_poly.type   'polypeptide(L)'
_entity_poly.pdbx_seq_one_letter_code
;GSSPSLEQDDGDEETSVVIVGKISFCPKDVLGHGAEGTIVYRGMFDNRDVAVKRILPECFSFADREVQLLRESDEHPNVI
RYFCTEKDRQFQYIAIELCAATLQEYVEQKDFAHLGLEPITLLQQTTSGLAHLHSLNIVHRDLKPHNILISMPNAHGKIK
AMISDFGLCKKLAVGRHSFSRRSGVPGTEGWIAPEMLSEDCKENPTYTVDIFSAGCVFYYVISEGSHPFGKSLQRQANIL
LGACSLDCLHPEKHEDVIARELIEKMIAMDPQKRPSAKHVLKHPFFWSLEKQLQFFQDVSDRIEKESLDGPIVKQLERGG
RAVVKMDWRENITVPLQTDLRKFRTYKGGSVRDLLRAMRNKKHHYRELPAEVRETLGSLPDDFVCYFTSRFPHLLAHTYR
AMELCSHERLFQPYYFHEPPEPQPPVTPDALGNS
;
_entity_poly.pdbx_strand_id   A
#
# COMPACT_ATOMS: atom_id res chain seq x y z
N SER A 16 -33.90 -16.19 22.27
CA SER A 16 -33.51 -17.38 21.52
C SER A 16 -32.03 -17.32 21.17
N VAL A 17 -31.38 -18.49 21.17
CA VAL A 17 -29.95 -18.63 20.87
C VAL A 17 -29.76 -19.85 19.99
N VAL A 18 -29.15 -19.67 18.82
CA VAL A 18 -29.07 -20.71 17.81
C VAL A 18 -27.81 -21.53 18.02
N ILE A 19 -27.93 -22.85 17.85
CA ILE A 19 -26.79 -23.77 17.92
C ILE A 19 -26.91 -24.73 16.76
N VAL A 20 -26.02 -24.61 15.78
CA VAL A 20 -26.03 -25.44 14.58
C VAL A 20 -24.68 -26.15 14.53
N GLY A 21 -24.63 -27.40 14.99
CA GLY A 21 -23.35 -28.08 15.07
C GLY A 21 -22.49 -27.45 16.16
N LYS A 22 -21.19 -27.32 15.87
CA LYS A 22 -20.26 -26.71 16.82
C LYS A 22 -20.29 -25.19 16.79
N ILE A 23 -21.09 -24.57 15.93
CA ILE A 23 -21.19 -23.11 15.86
C ILE A 23 -22.39 -22.67 16.70
N SER A 24 -22.18 -21.64 17.52
CA SER A 24 -23.22 -21.10 18.38
C SER A 24 -23.25 -19.58 18.27
N PHE A 25 -24.45 -19.02 18.19
CA PHE A 25 -24.62 -17.56 18.18
C PHE A 25 -26.05 -17.22 18.61
N CYS A 26 -26.25 -15.94 18.93
CA CYS A 26 -27.55 -15.41 19.29
C CYS A 26 -27.98 -14.37 18.26
N PRO A 27 -29.16 -14.53 17.65
CA PRO A 27 -29.54 -13.63 16.55
C PRO A 27 -29.58 -12.15 16.90
N LYS A 28 -29.52 -11.79 18.19
CA LYS A 28 -29.50 -10.38 18.56
C LYS A 28 -28.14 -9.73 18.37
N ASP A 29 -27.08 -10.53 18.22
CA ASP A 29 -25.71 -10.00 18.14
C ASP A 29 -25.27 -9.78 16.69
N VAL A 30 -26.05 -9.01 15.93
CA VAL A 30 -25.74 -8.79 14.52
C VAL A 30 -24.61 -7.78 14.39
N LEU A 31 -23.55 -8.16 13.68
CA LEU A 31 -22.45 -7.25 13.42
C LEU A 31 -22.67 -6.42 12.15
N GLY A 32 -23.23 -7.03 11.11
CA GLY A 32 -23.43 -6.32 9.86
C GLY A 32 -24.10 -7.23 8.86
N HIS A 33 -24.29 -6.67 7.66
CA HIS A 33 -24.96 -7.36 6.57
C HIS A 33 -24.07 -7.35 5.34
N GLY A 34 -24.25 -8.37 4.50
CA GLY A 34 -23.56 -8.46 3.23
C GLY A 34 -24.52 -8.44 2.07
N ALA A 35 -24.08 -8.90 0.91
CA ALA A 35 -24.95 -8.93 -0.26
C ALA A 35 -25.88 -10.13 -0.23
N GLU A 36 -27.04 -9.97 -0.85
CA GLU A 36 -27.96 -11.07 -1.12
C GLU A 36 -28.34 -11.82 0.15
N GLY A 37 -28.70 -11.07 1.19
CA GLY A 37 -29.24 -11.66 2.40
C GLY A 37 -28.22 -12.18 3.40
N THR A 38 -26.93 -12.09 3.09
CA THR A 38 -25.92 -12.51 4.05
C THR A 38 -25.97 -11.63 5.30
N ILE A 39 -25.95 -12.27 6.47
CA ILE A 39 -25.87 -11.58 7.75
C ILE A 39 -24.65 -12.12 8.49
N VAL A 40 -23.96 -11.24 9.21
CA VAL A 40 -22.79 -11.59 10.01
C VAL A 40 -23.12 -11.34 11.47
N TYR A 41 -23.00 -12.38 12.28
CA TYR A 41 -23.30 -12.31 13.71
C TYR A 41 -22.02 -12.49 14.52
N ARG A 42 -22.08 -12.03 15.77
CA ARG A 42 -21.09 -12.41 16.76
C ARG A 42 -21.53 -13.72 17.41
N GLY A 43 -20.60 -14.65 17.55
CA GLY A 43 -20.95 -15.99 17.98
C GLY A 43 -19.83 -16.70 18.68
N MET A 44 -19.96 -18.02 18.76
CA MET A 44 -18.96 -18.84 19.44
C MET A 44 -18.72 -20.12 18.66
N PHE A 45 -17.47 -20.59 18.74
CA PHE A 45 -17.04 -21.88 18.21
C PHE A 45 -15.88 -22.34 19.06
N ASP A 46 -16.00 -23.55 19.61
CA ASP A 46 -14.94 -24.15 20.43
C ASP A 46 -14.51 -23.21 21.56
N ASN A 47 -15.51 -22.58 22.20
CA ASN A 47 -15.31 -21.62 23.29
C ASN A 47 -14.49 -20.41 22.87
N ARG A 48 -14.38 -20.16 21.58
CA ARG A 48 -13.83 -18.91 21.06
C ARG A 48 -14.96 -17.96 20.70
N ASP A 49 -14.72 -16.67 20.90
CA ASP A 49 -15.54 -15.67 20.26
C ASP A 49 -15.16 -15.62 18.79
N VAL A 50 -16.14 -15.68 17.90
CA VAL A 50 -15.95 -15.75 16.47
C VAL A 50 -16.99 -14.88 15.79
N ALA A 51 -16.76 -14.60 14.51
CA ALA A 51 -17.79 -14.05 13.65
C ALA A 51 -18.48 -15.20 12.95
N VAL A 52 -19.81 -15.15 12.88
CA VAL A 52 -20.59 -16.20 12.24
C VAL A 52 -21.31 -15.60 11.05
N LYS A 53 -20.94 -16.09 9.87
CA LYS A 53 -21.48 -15.64 8.59
C LYS A 53 -22.57 -16.60 8.16
N ARG A 54 -23.79 -16.08 7.94
CA ARG A 54 -24.95 -16.89 7.61
C ARG A 54 -25.37 -16.61 6.17
N ILE A 55 -25.41 -17.66 5.35
CA ILE A 55 -25.58 -17.53 3.90
C ILE A 55 -26.89 -18.22 3.49
N LEU A 56 -27.68 -17.53 2.67
CA LEU A 56 -28.93 -18.08 2.16
C LEU A 56 -28.64 -19.18 1.14
N PRO A 57 -29.61 -20.09 0.91
CA PRO A 57 -29.38 -21.17 -0.07
C PRO A 57 -29.05 -20.68 -1.46
N GLU A 58 -29.50 -19.49 -1.85
CA GLU A 58 -29.21 -18.94 -3.17
C GLU A 58 -27.72 -18.67 -3.36
N CYS A 59 -26.96 -18.49 -2.28
CA CYS A 59 -25.53 -18.19 -2.35
C CYS A 59 -24.67 -19.33 -1.83
N PHE A 60 -25.18 -20.57 -1.87
CA PHE A 60 -24.40 -21.70 -1.39
C PHE A 60 -23.14 -21.92 -2.22
N SER A 61 -23.20 -21.65 -3.53
CA SER A 61 -22.00 -21.85 -4.33
C SER A 61 -20.92 -20.84 -4.00
N PHE A 62 -21.30 -19.67 -3.46
CA PHE A 62 -20.30 -18.69 -3.04
C PHE A 62 -19.71 -19.02 -1.68
N ALA A 63 -20.51 -19.60 -0.79
CA ALA A 63 -19.98 -20.04 0.50
C ALA A 63 -19.00 -21.20 0.33
N ASP A 64 -19.31 -22.14 -0.58
CA ASP A 64 -18.38 -23.23 -0.84
C ASP A 64 -17.09 -22.71 -1.42
N ARG A 65 -17.17 -21.76 -2.35
CA ARG A 65 -15.98 -21.08 -2.87
C ARG A 65 -15.20 -20.43 -1.75
N GLU A 66 -15.88 -19.70 -0.87
CA GLU A 66 -15.18 -19.01 0.22
C GLU A 66 -14.50 -20.00 1.16
N VAL A 67 -15.21 -21.06 1.55
CA VAL A 67 -14.62 -22.03 2.48
C VAL A 67 -13.37 -22.64 1.86
N GLN A 68 -13.44 -23.06 0.60
CA GLN A 68 -12.28 -23.67 -0.05
C GLN A 68 -11.11 -22.69 -0.09
N LEU A 69 -11.35 -21.46 -0.54
CA LEU A 69 -10.25 -20.52 -0.70
C LEU A 69 -9.70 -20.03 0.64
N LEU A 70 -10.54 -19.96 1.68
CA LEU A 70 -10.02 -19.64 3.00
C LEU A 70 -9.14 -20.78 3.54
N ARG A 71 -9.54 -22.02 3.30
CA ARG A 71 -8.69 -23.14 3.71
C ARG A 71 -7.29 -23.05 3.09
N GLU A 72 -7.22 -22.58 1.84
CA GLU A 72 -5.94 -22.52 1.15
C GLU A 72 -5.08 -21.36 1.64
N SER A 73 -5.68 -20.25 2.04
CA SER A 73 -4.92 -19.02 2.20
C SER A 73 -4.92 -18.40 3.59
N ASP A 74 -5.68 -18.94 4.55
CA ASP A 74 -5.79 -18.21 5.81
C ASP A 74 -4.57 -18.38 6.71
N GLU A 75 -3.55 -19.14 6.28
CA GLU A 75 -2.36 -19.25 7.11
C GLU A 75 -1.63 -17.91 7.22
N HIS A 76 -1.75 -17.03 6.22
CA HIS A 76 -1.06 -15.74 6.26
C HIS A 76 -1.69 -14.82 7.31
N PRO A 77 -0.90 -14.06 8.07
CA PRO A 77 -1.49 -13.28 9.17
C PRO A 77 -2.45 -12.20 8.71
N ASN A 78 -2.38 -11.74 7.46
CA ASN A 78 -3.27 -10.68 6.98
C ASN A 78 -4.36 -11.23 6.06
N VAL A 79 -4.65 -12.52 6.17
CA VAL A 79 -5.90 -13.12 5.69
C VAL A 79 -6.67 -13.61 6.91
N ILE A 80 -7.98 -13.32 6.95
CA ILE A 80 -8.78 -13.67 8.11
C ILE A 80 -8.71 -15.17 8.38
N ARG A 81 -8.61 -15.55 9.65
CA ARG A 81 -8.53 -16.96 9.96
C ARG A 81 -9.91 -17.60 9.88
N TYR A 82 -9.98 -18.79 9.29
CA TYR A 82 -11.20 -19.55 9.14
C TYR A 82 -11.20 -20.70 10.15
N PHE A 83 -12.36 -20.94 10.79
CA PHE A 83 -12.46 -21.92 11.86
C PHE A 83 -13.26 -23.16 11.49
N CYS A 84 -14.47 -23.00 10.96
CA CYS A 84 -15.37 -24.14 10.75
C CYS A 84 -16.53 -23.69 9.88
N THR A 85 -17.22 -24.68 9.29
CA THR A 85 -18.46 -24.42 8.57
C THR A 85 -19.47 -25.51 8.89
N GLU A 86 -20.75 -25.15 8.84
CA GLU A 86 -21.81 -26.11 9.09
C GLU A 86 -23.10 -25.63 8.44
N LYS A 87 -23.99 -26.58 8.15
CA LYS A 87 -25.28 -26.31 7.54
C LYS A 87 -26.39 -26.88 8.39
N ASP A 88 -27.61 -26.44 8.09
CA ASP A 88 -28.82 -27.09 8.58
C ASP A 88 -29.84 -27.17 7.44
N ARG A 89 -31.13 -27.23 7.78
CA ARG A 89 -32.16 -27.22 6.75
C ARG A 89 -32.18 -25.90 6.01
N GLN A 90 -31.92 -24.79 6.72
CA GLN A 90 -32.21 -23.45 6.22
C GLN A 90 -30.99 -22.77 5.61
N PHE A 91 -29.91 -22.62 6.39
CA PHE A 91 -28.78 -21.80 5.97
C PHE A 91 -27.48 -22.57 6.08
N GLN A 92 -26.40 -21.90 5.69
CA GLN A 92 -25.04 -22.33 5.92
C GLN A 92 -24.32 -21.31 6.80
N TYR A 93 -23.41 -21.80 7.64
CA TYR A 93 -22.76 -20.97 8.64
C TYR A 93 -21.25 -21.11 8.53
N ILE A 94 -20.55 -19.97 8.54
CA ILE A 94 -19.09 -19.94 8.44
C ILE A 94 -18.55 -19.22 9.66
N ALA A 95 -17.68 -19.88 10.41
CA ALA A 95 -17.06 -19.31 11.60
C ALA A 95 -15.67 -18.80 11.24
N ILE A 96 -15.45 -17.50 11.40
CA ILE A 96 -14.19 -16.85 11.08
C ILE A 96 -13.80 -15.94 12.24
N GLU A 97 -12.56 -15.46 12.18
CA GLU A 97 -12.00 -14.59 13.20
C GLU A 97 -12.86 -13.35 13.44
N LEU A 98 -13.17 -13.12 14.71
CA LEU A 98 -13.88 -11.90 15.11
C LEU A 98 -12.92 -10.72 15.07
N CYS A 99 -13.35 -9.64 14.43
CA CYS A 99 -12.53 -8.46 14.26
C CYS A 99 -13.20 -7.26 14.93
N ALA A 100 -12.40 -6.23 15.22
CA ALA A 100 -12.90 -5.08 15.95
C ALA A 100 -13.59 -4.05 15.05
N ALA A 101 -13.12 -3.86 13.82
CA ALA A 101 -13.69 -2.83 12.95
C ALA A 101 -13.41 -3.17 11.49
N THR A 102 -14.09 -2.44 10.60
CA THR A 102 -13.71 -2.39 9.19
C THR A 102 -12.78 -1.20 8.96
N LEU A 103 -12.02 -1.26 7.87
CA LEU A 103 -11.18 -0.13 7.49
C LEU A 103 -12.00 1.13 7.23
N GLN A 104 -13.21 0.97 6.70
CA GLN A 104 -14.10 2.11 6.51
C GLN A 104 -14.34 2.85 7.82
N GLU A 105 -14.78 2.14 8.87
CA GLU A 105 -15.04 2.86 10.10
C GLU A 105 -13.76 3.35 10.75
N TYR A 106 -12.64 2.64 10.55
CA TYR A 106 -11.35 3.14 11.02
C TYR A 106 -11.04 4.51 10.42
N VAL A 107 -11.16 4.63 9.09
CA VAL A 107 -10.96 5.91 8.41
C VAL A 107 -12.05 6.90 8.80
N GLU A 108 -13.30 6.43 8.96
CA GLU A 108 -14.38 7.36 9.27
C GLU A 108 -14.35 7.86 10.71
N GLN A 109 -13.77 7.13 11.64
CA GLN A 109 -13.90 7.47 13.05
C GLN A 109 -12.60 7.78 13.77
N LYS A 110 -11.48 7.19 13.37
CA LYS A 110 -10.26 7.34 14.16
C LYS A 110 -9.58 8.67 13.88
N ASP A 111 -9.14 9.34 14.96
CA ASP A 111 -8.27 10.51 14.83
C ASP A 111 -6.87 10.06 14.43
N PHE A 112 -6.40 10.47 13.25
CA PHE A 112 -5.09 10.04 12.78
C PHE A 112 -3.94 10.82 13.42
N ALA A 113 -4.22 11.98 14.04
CA ALA A 113 -3.16 12.86 14.52
C ALA A 113 -2.14 12.13 15.39
N HIS A 114 -2.61 11.19 16.22
CA HIS A 114 -1.74 10.49 17.16
C HIS A 114 -1.59 9.00 16.85
N LEU A 115 -1.79 8.61 15.58
CA LEU A 115 -1.59 7.22 15.19
C LEU A 115 -0.26 6.98 14.50
N GLY A 116 0.45 8.03 14.11
CA GLY A 116 1.79 7.83 13.55
C GLY A 116 1.74 7.13 12.21
N LEU A 117 2.55 6.09 12.06
CA LEU A 117 2.60 5.34 10.80
C LEU A 117 1.61 4.18 10.78
N GLU A 118 0.74 4.07 11.78
CA GLU A 118 -0.21 2.97 11.81
C GLU A 118 -1.09 2.91 10.56
N PRO A 119 -1.61 4.02 10.00
CA PRO A 119 -2.41 3.87 8.78
C PRO A 119 -1.64 3.26 7.61
N ILE A 120 -0.39 3.71 7.39
CA ILE A 120 0.42 3.14 6.32
C ILE A 120 0.74 1.67 6.59
N THR A 121 0.91 1.31 7.86
CA THR A 121 1.15 -0.09 8.21
C THR A 121 -0.06 -0.94 7.88
N LEU A 122 -1.27 -0.41 8.11
CA LEU A 122 -2.47 -1.15 7.69
C LEU A 122 -2.49 -1.38 6.18
N LEU A 123 -2.09 -0.37 5.39
CA LEU A 123 -2.01 -0.56 3.94
C LEU A 123 -0.93 -1.59 3.58
N GLN A 124 0.19 -1.58 4.30
CA GLN A 124 1.23 -2.55 4.04
C GLN A 124 0.73 -3.97 4.31
N GLN A 125 0.01 -4.15 5.42
CA GLN A 125 -0.51 -5.46 5.78
C GLN A 125 -1.58 -5.93 4.80
N THR A 126 -2.46 -5.02 4.36
CA THR A 126 -3.43 -5.36 3.32
C THR A 126 -2.71 -5.87 2.08
N THR A 127 -1.66 -5.16 1.65
CA THR A 127 -0.94 -5.53 0.46
C THR A 127 -0.23 -6.87 0.62
N SER A 128 0.34 -7.14 1.80
CA SER A 128 0.93 -8.44 2.04
C SER A 128 -0.10 -9.57 1.92
N GLY A 129 -1.30 -9.36 2.49
CA GLY A 129 -2.33 -10.36 2.33
C GLY A 129 -2.74 -10.55 0.89
N LEU A 130 -2.80 -9.45 0.13
CA LEU A 130 -3.10 -9.53 -1.29
C LEU A 130 -2.01 -10.29 -2.04
N ALA A 131 -0.74 -9.96 -1.75
CA ALA A 131 0.37 -10.67 -2.39
C ALA A 131 0.30 -12.17 -2.12
N HIS A 132 -0.12 -12.55 -0.91
CA HIS A 132 -0.22 -13.97 -0.57
C HIS A 132 -1.31 -14.63 -1.40
N LEU A 133 -2.47 -13.98 -1.54
CA LEU A 133 -3.53 -14.51 -2.41
C LEU A 133 -3.05 -14.67 -3.84
N HIS A 134 -2.43 -13.61 -4.39
CA HIS A 134 -1.96 -13.68 -5.77
C HIS A 134 -0.90 -14.76 -5.95
N SER A 135 -0.07 -15.00 -4.92
CA SER A 135 0.93 -16.06 -5.03
C SER A 135 0.29 -17.44 -5.05
N LEU A 136 -0.96 -17.55 -4.62
CA LEU A 136 -1.72 -18.78 -4.69
C LEU A 136 -2.65 -18.79 -5.89
N ASN A 137 -2.47 -17.85 -6.82
CA ASN A 137 -3.29 -17.77 -8.03
C ASN A 137 -4.75 -17.49 -7.72
N ILE A 138 -4.98 -16.70 -6.67
CA ILE A 138 -6.31 -16.27 -6.27
C ILE A 138 -6.37 -14.76 -6.49
N VAL A 139 -7.37 -14.31 -7.24
CA VAL A 139 -7.69 -12.89 -7.40
C VAL A 139 -8.90 -12.60 -6.53
N HIS A 140 -8.85 -11.51 -5.76
CA HIS A 140 -9.92 -11.23 -4.81
C HIS A 140 -11.17 -10.71 -5.52
N ARG A 141 -11.01 -9.68 -6.36
CA ARG A 141 -11.98 -9.06 -7.26
C ARG A 141 -13.00 -8.17 -6.57
N ASP A 142 -12.97 -7.99 -5.24
CA ASP A 142 -13.97 -7.17 -4.58
C ASP A 142 -13.37 -6.47 -3.36
N LEU A 143 -12.13 -6.00 -3.49
CA LEU A 143 -11.43 -5.35 -2.40
C LEU A 143 -11.96 -3.93 -2.22
N LYS A 144 -12.19 -3.54 -0.98
CA LYS A 144 -12.82 -2.26 -0.65
C LYS A 144 -12.74 -2.07 0.87
N PRO A 145 -12.87 -0.83 1.35
CA PRO A 145 -12.73 -0.61 2.79
C PRO A 145 -13.71 -1.41 3.62
N HIS A 146 -14.91 -1.68 3.10
CA HIS A 146 -15.92 -2.41 3.85
C HIS A 146 -15.47 -3.82 4.24
N ASN A 147 -14.57 -4.45 3.48
CA ASN A 147 -14.19 -5.81 3.83
C ASN A 147 -12.72 -5.98 4.14
N ILE A 148 -11.97 -4.89 4.32
CA ILE A 148 -10.66 -4.96 4.95
C ILE A 148 -10.89 -4.77 6.44
N LEU A 149 -10.54 -5.76 7.25
CA LEU A 149 -10.93 -5.77 8.64
C LEU A 149 -9.75 -5.41 9.54
N ILE A 150 -10.06 -4.74 10.63
CA ILE A 150 -9.09 -4.38 11.66
C ILE A 150 -9.22 -5.39 12.79
N SER A 151 -8.12 -6.08 13.11
CA SER A 151 -8.15 -7.09 14.15
C SER A 151 -8.43 -6.47 15.52
N MET A 152 -8.85 -7.32 16.45
CA MET A 152 -8.81 -6.93 17.84
C MET A 152 -7.37 -6.96 18.35
N PRO A 153 -7.02 -6.10 19.30
CA PRO A 153 -5.63 -6.06 19.75
C PRO A 153 -5.21 -7.40 20.32
N ASN A 154 -3.96 -7.77 20.06
CA ASN A 154 -3.41 -9.01 20.62
C ASN A 154 -2.98 -8.74 22.06
N ALA A 155 -2.25 -9.68 22.67
CA ALA A 155 -1.87 -9.55 24.06
C ALA A 155 -0.90 -8.41 24.32
N HIS A 156 -0.32 -7.83 23.28
CA HIS A 156 0.58 -6.69 23.43
C HIS A 156 -0.03 -5.42 22.82
N GLY A 157 -1.34 -5.39 22.63
CA GLY A 157 -2.06 -4.20 22.19
C GLY A 157 -1.96 -3.88 20.71
N LYS A 158 -1.27 -4.71 19.93
CA LYS A 158 -1.07 -4.42 18.51
C LYS A 158 -2.26 -4.88 17.67
N ILE A 159 -2.59 -4.11 16.65
CA ILE A 159 -3.66 -4.44 15.71
C ILE A 159 -3.04 -4.66 14.33
N LYS A 160 -3.84 -5.25 13.45
CA LYS A 160 -3.41 -5.54 12.09
C LYS A 160 -4.62 -5.56 11.18
N ALA A 161 -4.38 -5.33 9.89
CA ALA A 161 -5.41 -5.45 8.87
C ALA A 161 -5.43 -6.87 8.31
N MET A 162 -6.64 -7.31 7.95
CA MET A 162 -6.85 -8.61 7.34
C MET A 162 -7.83 -8.47 6.17
N ILE A 163 -7.52 -9.15 5.07
CA ILE A 163 -8.46 -9.33 3.97
C ILE A 163 -9.51 -10.36 4.34
N SER A 164 -10.77 -10.07 3.98
CA SER A 164 -11.88 -10.99 4.22
C SER A 164 -12.77 -11.03 2.97
N ASP A 165 -13.85 -11.82 3.09
CA ASP A 165 -14.96 -11.90 2.13
C ASP A 165 -14.54 -12.48 0.79
N PHE A 166 -14.43 -13.81 0.72
CA PHE A 166 -13.85 -14.51 -0.41
C PHE A 166 -14.91 -15.10 -1.34
N GLY A 167 -16.15 -14.64 -1.22
CA GLY A 167 -17.23 -15.21 -2.00
C GLY A 167 -17.13 -14.96 -3.49
N LEU A 168 -16.47 -13.87 -3.87
CA LEU A 168 -16.30 -13.48 -5.27
C LEU A 168 -14.88 -13.71 -5.79
N CYS A 169 -14.01 -14.33 -4.99
CA CYS A 169 -12.66 -14.61 -5.45
C CYS A 169 -12.68 -15.56 -6.64
N LYS A 170 -11.65 -15.46 -7.47
CA LYS A 170 -11.43 -16.39 -8.57
C LYS A 170 -10.15 -17.15 -8.32
N LYS A 171 -10.21 -18.47 -8.42
CA LYS A 171 -9.02 -19.31 -8.40
C LYS A 171 -8.62 -19.59 -9.85
N LEU A 172 -7.48 -19.03 -10.26
CA LEU A 172 -6.99 -19.27 -11.60
C LEU A 172 -6.40 -20.68 -11.72
N ALA A 173 -6.78 -21.37 -12.79
CA ALA A 173 -6.26 -22.71 -13.02
C ALA A 173 -4.75 -22.67 -13.23
N VAL A 174 -4.10 -23.81 -12.94
CA VAL A 174 -2.65 -23.91 -13.12
C VAL A 174 -2.33 -23.68 -14.59
N GLY A 175 -1.40 -22.75 -14.85
CA GLY A 175 -1.06 -22.34 -16.18
C GLY A 175 -1.85 -21.15 -16.72
N ARG A 176 -2.86 -20.68 -15.98
CA ARG A 176 -3.67 -19.55 -16.40
C ARG A 176 -3.24 -18.29 -15.68
N HIS A 177 -3.18 -17.18 -16.42
CA HIS A 177 -2.86 -15.87 -15.87
C HIS A 177 -3.99 -14.87 -15.96
N SER A 178 -5.08 -15.20 -16.63
CA SER A 178 -6.22 -14.30 -16.82
C SER A 178 -7.50 -15.06 -16.46
N PHE A 179 -8.59 -14.31 -16.34
CA PHE A 179 -9.90 -14.93 -16.18
C PHE A 179 -10.90 -14.20 -17.07
N SER A 180 -12.05 -14.84 -17.26
CA SER A 180 -13.09 -14.31 -18.11
C SER A 180 -13.91 -13.26 -17.36
N ARG A 181 -14.79 -12.60 -18.09
CA ARG A 181 -15.45 -11.41 -17.58
C ARG A 181 -16.98 -11.52 -17.64
N PRO A 186 -20.12 -8.58 -10.30
CA PRO A 186 -18.70 -8.89 -10.04
C PRO A 186 -17.95 -7.73 -9.39
N GLY A 187 -18.27 -7.44 -8.14
CA GLY A 187 -17.64 -6.38 -7.40
C GLY A 187 -18.63 -5.39 -6.84
N THR A 188 -18.10 -4.37 -6.19
CA THR A 188 -18.89 -3.30 -5.59
C THR A 188 -18.63 -2.02 -6.38
N GLU A 189 -19.70 -1.45 -6.93
CA GLU A 189 -19.60 -0.25 -7.75
C GLU A 189 -18.79 0.84 -7.04
N GLY A 190 -17.86 1.44 -7.79
CA GLY A 190 -16.97 2.45 -7.28
C GLY A 190 -15.55 1.99 -7.05
N TRP A 191 -15.32 0.68 -7.00
CA TRP A 191 -13.99 0.13 -6.74
C TRP A 191 -13.56 -0.87 -7.80
N ILE A 192 -14.20 -0.86 -8.97
CA ILE A 192 -14.02 -1.91 -9.97
C ILE A 192 -13.07 -1.42 -11.05
N ALA A 193 -11.99 -2.17 -11.28
CA ALA A 193 -11.04 -1.83 -12.32
C ALA A 193 -11.75 -1.68 -13.67
N PRO A 194 -11.31 -0.74 -14.53
CA PRO A 194 -12.09 -0.47 -15.75
C PRO A 194 -12.18 -1.65 -16.69
N GLU A 195 -11.13 -2.44 -16.83
CA GLU A 195 -11.19 -3.57 -17.77
C GLU A 195 -12.20 -4.63 -17.34
N MET A 196 -12.75 -4.52 -16.13
CA MET A 196 -13.80 -5.44 -15.69
C MET A 196 -15.17 -5.08 -16.25
N LEU A 197 -15.36 -3.82 -16.69
CA LEU A 197 -16.66 -3.33 -17.13
C LEU A 197 -16.67 -2.79 -18.55
N SER A 198 -15.54 -2.37 -19.09
CA SER A 198 -15.54 -1.82 -20.44
C SER A 198 -15.40 -2.93 -21.46
N GLU A 199 -16.12 -2.80 -22.58
CA GLU A 199 -16.02 -3.79 -23.63
C GLU A 199 -14.73 -3.68 -24.42
N ASP A 200 -14.04 -2.54 -24.36
CA ASP A 200 -12.72 -2.41 -24.97
C ASP A 200 -11.72 -3.26 -24.20
N CYS A 201 -11.90 -4.58 -24.24
CA CYS A 201 -11.10 -5.52 -23.45
C CYS A 201 -10.12 -6.25 -24.38
N LYS A 202 -9.03 -5.57 -24.70
CA LYS A 202 -7.91 -6.22 -25.38
C LYS A 202 -7.49 -7.46 -24.60
N GLU A 203 -7.06 -7.28 -23.35
CA GLU A 203 -6.61 -8.38 -22.51
C GLU A 203 -7.68 -8.70 -21.47
N ASN A 204 -7.78 -9.98 -21.12
CA ASN A 204 -8.67 -10.37 -20.04
C ASN A 204 -8.18 -9.81 -18.71
N PRO A 205 -9.07 -9.61 -17.74
CA PRO A 205 -8.63 -9.16 -16.43
C PRO A 205 -7.74 -10.18 -15.74
N THR A 206 -6.83 -9.68 -14.91
CA THR A 206 -5.86 -10.54 -14.20
C THR A 206 -5.74 -10.05 -12.76
N TYR A 207 -4.66 -10.46 -12.08
CA TYR A 207 -4.42 -10.03 -10.70
C TYR A 207 -4.46 -8.52 -10.54
N THR A 208 -4.10 -7.76 -11.57
CA THR A 208 -4.01 -6.31 -11.39
C THR A 208 -5.36 -5.64 -11.20
N VAL A 209 -6.48 -6.35 -11.32
CA VAL A 209 -7.74 -5.71 -10.93
C VAL A 209 -7.71 -5.42 -9.43
N ASP A 210 -7.02 -6.27 -8.65
CA ASP A 210 -6.92 -6.02 -7.22
C ASP A 210 -5.98 -4.87 -6.92
N ILE A 211 -4.96 -4.68 -7.77
CA ILE A 211 -4.06 -3.55 -7.58
C ILE A 211 -4.82 -2.24 -7.76
N PHE A 212 -5.69 -2.18 -8.78
CA PHE A 212 -6.47 -0.97 -8.99
C PHE A 212 -7.30 -0.63 -7.77
N SER A 213 -8.10 -1.59 -7.29
CA SER A 213 -8.89 -1.39 -6.09
C SER A 213 -8.03 -0.99 -4.90
N ALA A 214 -6.91 -1.69 -4.71
CA ALA A 214 -6.03 -1.35 -3.60
C ALA A 214 -5.55 0.09 -3.71
N GLY A 215 -5.23 0.53 -4.93
CA GLY A 215 -4.76 1.89 -5.10
C GLY A 215 -5.81 2.91 -4.68
N CYS A 216 -7.08 2.64 -5.01
CA CYS A 216 -8.16 3.49 -4.53
C CYS A 216 -8.27 3.41 -3.01
N VAL A 217 -8.03 2.24 -2.42
CA VAL A 217 -8.05 2.11 -0.97
C VAL A 217 -6.90 2.89 -0.34
N PHE A 218 -5.70 2.77 -0.92
CA PHE A 218 -4.55 3.56 -0.44
C PHE A 218 -4.91 5.03 -0.33
N TYR A 219 -5.47 5.61 -1.41
CA TYR A 219 -5.80 7.03 -1.38
C TYR A 219 -6.88 7.31 -0.34
N TYR A 220 -7.88 6.42 -0.25
CA TYR A 220 -8.97 6.59 0.70
C TYR A 220 -8.45 6.66 2.13
N VAL A 221 -7.44 5.86 2.48
CA VAL A 221 -6.89 5.90 3.82
C VAL A 221 -6.09 7.18 4.04
N ILE A 222 -5.14 7.48 3.15
CA ILE A 222 -4.26 8.60 3.49
C ILE A 222 -4.97 9.94 3.35
N SER A 223 -6.00 10.04 2.52
CA SER A 223 -6.81 11.24 2.43
C SER A 223 -7.92 11.28 3.47
N GLU A 224 -8.09 10.20 4.24
CA GLU A 224 -9.12 10.09 5.27
C GLU A 224 -10.53 10.26 4.68
N GLY A 225 -10.77 9.61 3.55
CA GLY A 225 -12.15 9.51 3.10
C GLY A 225 -12.46 9.84 1.65
N SER A 226 -11.49 10.35 0.90
CA SER A 226 -11.74 10.66 -0.49
C SER A 226 -11.38 9.45 -1.37
N HIS A 227 -11.68 9.58 -2.66
CA HIS A 227 -11.53 8.52 -3.63
C HIS A 227 -10.92 9.16 -4.88
N PRO A 228 -9.94 8.52 -5.50
CA PRO A 228 -9.32 9.14 -6.69
C PRO A 228 -10.31 9.45 -7.81
N PHE A 229 -11.45 8.77 -7.87
CA PHE A 229 -12.40 8.97 -8.97
C PHE A 229 -13.67 9.69 -8.52
N GLY A 230 -13.61 10.38 -7.38
CA GLY A 230 -14.63 11.33 -7.00
C GLY A 230 -15.65 10.77 -6.03
N LYS A 231 -16.78 11.47 -5.97
CA LYS A 231 -17.86 11.14 -5.05
C LYS A 231 -18.60 9.91 -5.54
N SER A 232 -19.32 9.27 -4.62
CA SER A 232 -19.70 7.88 -4.81
C SER A 232 -20.64 7.69 -6.02
N LEU A 233 -21.52 8.66 -6.29
CA LEU A 233 -22.48 8.49 -7.38
C LEU A 233 -21.81 8.53 -8.75
N GLN A 234 -20.71 9.26 -8.89
CA GLN A 234 -20.03 9.44 -10.16
C GLN A 234 -18.78 8.57 -10.29
N ARG A 235 -18.43 7.83 -9.23
CA ARG A 235 -17.14 7.15 -9.16
C ARG A 235 -16.91 6.22 -10.34
N GLN A 236 -17.82 5.26 -10.54
CA GLN A 236 -17.55 4.23 -11.53
C GLN A 236 -17.56 4.80 -12.94
N ALA A 237 -18.39 5.81 -13.21
CA ALA A 237 -18.36 6.46 -14.51
C ALA A 237 -17.04 7.18 -14.74
N ASN A 238 -16.44 7.73 -13.68
CA ASN A 238 -15.13 8.37 -13.83
C ASN A 238 -14.02 7.36 -14.07
N ILE A 239 -14.12 6.18 -13.44
CA ILE A 239 -13.14 5.13 -13.68
C ILE A 239 -13.09 4.78 -15.16
N LEU A 240 -14.27 4.56 -15.76
CA LEU A 240 -14.30 4.21 -17.19
C LEU A 240 -13.74 5.32 -18.06
N LEU A 241 -13.96 6.57 -17.66
CA LEU A 241 -13.44 7.70 -18.43
C LEU A 241 -11.99 8.01 -18.13
N GLY A 242 -11.40 7.38 -17.11
CA GLY A 242 -10.04 7.70 -16.72
C GLY A 242 -9.88 9.02 -15.99
N ALA A 243 -10.97 9.61 -15.52
CA ALA A 243 -10.92 10.93 -14.86
C ALA A 243 -10.67 10.73 -13.37
N CYS A 244 -9.42 10.93 -12.94
CA CYS A 244 -9.06 10.79 -11.54
C CYS A 244 -8.34 12.05 -11.07
N SER A 245 -8.32 12.22 -9.75
CA SER A 245 -7.75 13.40 -9.12
C SER A 245 -7.21 12.99 -7.76
N LEU A 246 -5.97 13.33 -7.49
CA LEU A 246 -5.30 12.96 -6.26
C LEU A 246 -4.90 14.22 -5.48
N ASP A 247 -5.74 15.24 -5.52
CA ASP A 247 -5.30 16.56 -5.07
C ASP A 247 -5.32 16.72 -3.56
N CYS A 248 -5.74 15.70 -2.81
CA CYS A 248 -5.42 15.73 -1.39
C CYS A 248 -3.93 15.60 -1.13
N LEU A 249 -3.15 15.20 -2.13
CA LEU A 249 -1.71 15.03 -1.99
C LEU A 249 -1.04 16.31 -2.48
N HIS A 250 -0.44 17.05 -1.55
CA HIS A 250 0.22 18.30 -1.91
C HIS A 250 1.50 18.00 -2.70
N PRO A 251 1.74 18.72 -3.78
CA PRO A 251 2.89 18.39 -4.65
C PRO A 251 4.23 18.87 -4.13
N GLU A 252 4.29 19.52 -2.97
CA GLU A 252 5.56 19.98 -2.43
C GLU A 252 5.82 19.42 -1.04
N LYS A 253 5.24 18.26 -0.75
CA LYS A 253 5.47 17.55 0.50
C LYS A 253 6.00 16.16 0.18
N HIS A 254 7.17 15.84 0.73
CA HIS A 254 7.87 14.60 0.37
C HIS A 254 6.96 13.38 0.46
N GLU A 255 6.26 13.22 1.58
CA GLU A 255 5.45 12.03 1.78
C GLU A 255 4.32 11.93 0.76
N ASP A 256 3.70 13.06 0.42
CA ASP A 256 2.63 13.07 -0.58
C ASP A 256 3.17 12.83 -1.98
N VAL A 257 4.35 13.36 -2.31
CA VAL A 257 4.97 13.08 -3.60
C VAL A 257 5.18 11.58 -3.76
N ILE A 258 5.76 10.94 -2.74
CA ILE A 258 6.01 9.50 -2.82
C ILE A 258 4.71 8.73 -2.98
N ALA A 259 3.70 9.09 -2.20
CA ALA A 259 2.43 8.36 -2.27
C ALA A 259 1.75 8.56 -3.63
N ARG A 260 1.79 9.78 -4.14
CA ARG A 260 1.26 10.06 -5.47
C ARG A 260 1.92 9.19 -6.53
N GLU A 261 3.24 9.08 -6.49
CA GLU A 261 3.94 8.30 -7.50
C GLU A 261 3.45 6.86 -7.52
N LEU A 262 3.30 6.25 -6.35
CA LEU A 262 2.82 4.88 -6.27
C LEU A 262 1.36 4.79 -6.71
N ILE A 263 0.50 5.62 -6.11
CA ILE A 263 -0.94 5.47 -6.31
C ILE A 263 -1.31 5.65 -7.78
N GLU A 264 -0.72 6.62 -8.46
CA GLU A 264 -1.11 6.81 -9.86
C GLU A 264 -0.70 5.62 -10.72
N LYS A 265 0.33 4.87 -10.33
CA LYS A 265 0.63 3.64 -11.07
C LYS A 265 -0.33 2.51 -10.70
N MET A 266 -0.74 2.45 -9.43
CA MET A 266 -1.68 1.42 -9.01
C MET A 266 -3.03 1.55 -9.71
N ILE A 267 -3.47 2.77 -10.00
CA ILE A 267 -4.80 2.97 -10.59
C ILE A 267 -4.73 3.28 -12.09
N ALA A 268 -3.60 2.97 -12.74
CA ALA A 268 -3.47 3.23 -14.16
C ALA A 268 -4.58 2.54 -14.94
N MET A 269 -5.07 3.21 -15.98
CA MET A 269 -6.11 2.63 -16.83
C MET A 269 -5.59 1.39 -17.55
N ASP A 270 -4.36 1.43 -18.02
CA ASP A 270 -3.74 0.27 -18.67
C ASP A 270 -3.32 -0.72 -17.59
N PRO A 271 -3.95 -1.90 -17.53
CA PRO A 271 -3.61 -2.86 -16.46
C PRO A 271 -2.16 -3.27 -16.47
N GLN A 272 -1.55 -3.39 -17.66
CA GLN A 272 -0.16 -3.81 -17.76
C GLN A 272 0.82 -2.78 -17.16
N LYS A 273 0.38 -1.56 -16.88
CA LYS A 273 1.24 -0.59 -16.23
C LYS A 273 1.11 -0.59 -14.71
N ARG A 274 0.20 -1.39 -14.17
CA ARG A 274 0.07 -1.43 -12.72
C ARG A 274 1.08 -2.43 -12.14
N PRO A 275 1.72 -2.10 -11.03
CA PRO A 275 2.68 -3.01 -10.43
C PRO A 275 1.98 -4.16 -9.73
N SER A 276 2.68 -5.31 -9.68
CA SER A 276 2.18 -6.42 -8.89
C SER A 276 2.20 -6.06 -7.40
N ALA A 277 1.50 -6.88 -6.60
CA ALA A 277 1.46 -6.62 -5.17
C ALA A 277 2.86 -6.62 -4.56
N LYS A 278 3.71 -7.56 -4.98
CA LYS A 278 5.07 -7.59 -4.45
C LYS A 278 5.87 -6.36 -4.89
N HIS A 279 5.62 -5.89 -6.10
CA HIS A 279 6.23 -4.63 -6.55
C HIS A 279 5.78 -3.47 -5.66
N VAL A 280 4.48 -3.38 -5.38
CA VAL A 280 3.94 -2.35 -4.48
C VAL A 280 4.67 -2.37 -3.14
N LEU A 281 4.97 -3.57 -2.62
CA LEU A 281 5.54 -3.70 -1.30
C LEU A 281 6.97 -3.19 -1.24
N LYS A 282 7.65 -3.06 -2.37
CA LYS A 282 9.02 -2.55 -2.40
C LYS A 282 9.10 -1.03 -2.59
N HIS A 283 7.96 -0.38 -2.78
CA HIS A 283 7.98 1.03 -3.13
C HIS A 283 8.40 1.90 -1.94
N PRO A 284 9.08 3.02 -2.19
CA PRO A 284 9.48 3.95 -1.12
C PRO A 284 8.35 4.38 -0.18
N PHE A 285 7.10 4.29 -0.64
CA PHE A 285 5.96 4.60 0.21
C PHE A 285 6.04 3.85 1.54
N PHE A 286 6.61 2.65 1.53
CA PHE A 286 6.71 1.81 2.71
C PHE A 286 8.10 1.81 3.35
N TRP A 287 9.08 2.55 2.81
CA TRP A 287 10.42 2.52 3.39
C TRP A 287 10.46 3.26 4.72
N SER A 288 11.16 2.70 5.70
CA SER A 288 11.48 3.47 6.89
C SER A 288 12.39 4.64 6.53
N LEU A 289 12.48 5.59 7.45
CA LEU A 289 13.40 6.71 7.28
C LEU A 289 14.83 6.23 7.19
N GLU A 290 15.20 5.23 8.00
CA GLU A 290 16.53 4.63 7.90
C GLU A 290 16.78 4.08 6.51
N LYS A 291 15.80 3.38 5.94
CA LYS A 291 15.94 2.82 4.60
C LYS A 291 16.03 3.91 3.54
N GLN A 292 15.29 5.01 3.71
CA GLN A 292 15.38 6.11 2.77
C GLN A 292 16.80 6.66 2.72
N LEU A 293 17.41 6.88 3.88
CA LEU A 293 18.78 7.40 3.93
C LEU A 293 19.77 6.40 3.34
N GLN A 294 19.57 5.11 3.61
CA GLN A 294 20.45 4.10 3.02
C GLN A 294 20.34 4.08 1.50
N PHE A 295 19.14 4.30 0.95
CA PHE A 295 19.02 4.40 -0.50
C PHE A 295 19.81 5.58 -1.04
N PHE A 296 19.72 6.72 -0.36
CA PHE A 296 20.50 7.88 -0.78
C PHE A 296 21.99 7.60 -0.73
N GLN A 297 22.47 6.96 0.34
CA GLN A 297 23.89 6.63 0.42
C GLN A 297 24.30 5.64 -0.67
N ASP A 298 23.49 4.59 -0.87
CA ASP A 298 23.81 3.57 -1.86
C ASP A 298 23.85 4.15 -3.28
N VAL A 299 22.91 5.05 -3.61
CA VAL A 299 22.97 5.65 -4.95
C VAL A 299 24.15 6.59 -5.06
N SER A 300 24.49 7.29 -3.98
CA SER A 300 25.65 8.17 -4.01
C SER A 300 26.91 7.40 -4.33
N ASP A 301 27.08 6.22 -3.73
CA ASP A 301 28.26 5.41 -3.98
C ASP A 301 28.25 4.84 -5.39
N ARG A 302 27.07 4.47 -5.90
CA ARG A 302 26.99 3.88 -7.23
C ARG A 302 27.36 4.87 -8.33
N ILE A 303 27.01 6.15 -8.18
CA ILE A 303 27.27 7.15 -9.21
C ILE A 303 28.56 7.90 -8.95
N GLU A 304 29.36 7.47 -7.97
CA GLU A 304 30.53 8.24 -7.57
C GLU A 304 31.55 8.33 -8.70
N LYS A 305 32.05 7.19 -9.15
CA LYS A 305 32.98 7.11 -10.28
C LYS A 305 32.24 6.90 -11.59
N GLU A 306 31.05 7.47 -11.73
CA GLU A 306 30.25 7.37 -12.94
C GLU A 306 30.57 8.52 -13.90
N SER A 307 30.36 8.28 -15.19
CA SER A 307 30.68 9.27 -16.21
C SER A 307 29.60 10.35 -16.27
N LEU A 308 30.02 11.60 -16.40
CA LEU A 308 29.08 12.70 -16.46
C LEU A 308 28.19 12.64 -17.69
N ASP A 309 28.59 11.90 -18.73
CA ASP A 309 27.79 11.75 -19.95
C ASP A 309 27.01 10.44 -19.99
N GLY A 310 27.20 9.56 -19.02
CA GLY A 310 26.62 8.24 -19.04
C GLY A 310 25.12 8.24 -18.92
N PRO A 311 24.49 7.10 -19.21
CA PRO A 311 23.02 7.03 -19.12
C PRO A 311 22.50 7.17 -17.70
N ILE A 312 23.25 6.72 -16.70
CA ILE A 312 22.79 6.81 -15.32
C ILE A 312 22.67 8.28 -14.90
N VAL A 313 23.79 9.02 -14.98
CA VAL A 313 23.76 10.41 -14.54
C VAL A 313 22.90 11.25 -15.48
N LYS A 314 22.78 10.84 -16.75
CA LYS A 314 21.86 11.53 -17.65
C LYS A 314 20.43 11.43 -17.14
N GLN A 315 19.96 10.20 -16.89
CA GLN A 315 18.65 10.02 -16.30
C GLN A 315 18.53 10.77 -14.98
N LEU A 316 19.59 10.76 -14.16
CA LEU A 316 19.50 11.36 -12.84
C LEU A 316 19.41 12.87 -12.92
N GLU A 317 19.97 13.48 -13.96
CA GLU A 317 19.98 14.93 -14.08
C GLU A 317 18.84 15.47 -14.96
N ARG A 318 18.15 14.61 -15.70
CA ARG A 318 17.05 15.07 -16.54
C ARG A 318 15.90 15.56 -15.68
N GLY A 319 15.55 16.84 -15.85
CA GLY A 319 14.60 17.45 -14.94
C GLY A 319 15.17 17.72 -13.57
N GLY A 320 16.50 17.72 -13.44
CA GLY A 320 17.13 17.86 -12.13
C GLY A 320 17.13 19.27 -11.58
N ARG A 321 16.94 20.28 -12.43
CA ARG A 321 16.95 21.66 -11.97
C ARG A 321 15.81 21.92 -10.99
N ALA A 322 14.60 21.47 -11.32
CA ALA A 322 13.45 21.68 -10.43
C ALA A 322 13.55 20.84 -9.17
N VAL A 323 14.16 19.64 -9.24
CA VAL A 323 14.30 18.81 -8.05
C VAL A 323 15.19 19.51 -7.02
N VAL A 324 16.24 20.18 -7.50
CA VAL A 324 17.22 20.80 -6.62
C VAL A 324 16.81 22.22 -6.21
N LYS A 325 15.75 22.76 -6.83
CA LYS A 325 15.28 24.13 -6.63
C LYS A 325 16.32 25.11 -7.17
N MET A 326 16.59 25.03 -8.47
CA MET A 326 17.57 25.86 -9.18
C MET A 326 18.98 25.67 -8.64
N ASP A 327 19.18 25.95 -7.36
CA ASP A 327 20.50 25.81 -6.72
C ASP A 327 20.25 25.28 -5.32
N TRP A 328 20.62 24.00 -5.08
CA TRP A 328 20.28 23.39 -3.79
C TRP A 328 21.09 23.98 -2.65
N ARG A 329 22.28 24.53 -2.92
CA ARG A 329 23.09 25.14 -1.88
C ARG A 329 22.43 26.39 -1.29
N GLU A 330 21.51 27.00 -2.02
CA GLU A 330 20.79 28.17 -1.56
C GLU A 330 19.52 27.81 -0.80
N ASN A 331 19.19 26.53 -0.68
CA ASN A 331 17.96 26.08 -0.05
C ASN A 331 18.20 25.26 1.21
N ILE A 332 19.43 25.21 1.71
CA ILE A 332 19.75 24.54 2.97
C ILE A 332 20.09 25.61 4.00
N THR A 333 20.14 25.19 5.27
CA THR A 333 20.43 26.13 6.35
C THR A 333 21.86 26.63 6.26
N VAL A 334 22.06 27.88 6.70
CA VAL A 334 23.37 28.52 6.56
C VAL A 334 24.48 27.74 7.25
N PRO A 335 24.30 27.18 8.47
CA PRO A 335 25.41 26.39 9.06
C PRO A 335 25.87 25.24 8.18
N LEU A 336 24.97 24.56 7.47
CA LEU A 336 25.41 23.56 6.51
C LEU A 336 26.13 24.21 5.33
N GLN A 337 25.61 25.34 4.84
CA GLN A 337 26.17 26.00 3.67
C GLN A 337 27.61 26.46 3.93
N THR A 338 27.88 26.98 5.13
CA THR A 338 29.25 27.40 5.44
C THR A 338 30.18 26.21 5.58
N ASP A 339 29.66 25.08 6.03
CA ASP A 339 30.50 23.90 6.24
C ASP A 339 30.89 23.24 4.92
N LEU A 340 30.00 23.24 3.93
CA LEU A 340 30.28 22.52 2.69
C LEU A 340 31.24 23.26 1.77
N ARG A 341 31.32 24.59 1.88
CA ARG A 341 32.23 25.37 1.04
C ARG A 341 33.69 25.04 1.31
N LYS A 342 34.01 24.52 2.50
CA LYS A 342 35.40 24.41 2.91
C LYS A 342 36.16 23.35 2.12
N PHE A 343 35.68 22.11 2.16
CA PHE A 343 36.47 20.99 1.65
C PHE A 343 36.41 20.90 0.12
N ARG A 344 35.24 20.54 -0.42
CA ARG A 344 35.10 20.24 -1.85
C ARG A 344 34.52 21.39 -2.66
N THR A 345 33.52 22.10 -2.10
CA THR A 345 32.68 23.02 -2.85
C THR A 345 31.95 22.28 -3.97
N TYR A 346 30.64 22.09 -3.79
CA TYR A 346 29.83 21.28 -4.68
C TYR A 346 29.13 22.14 -5.73
N LYS A 347 28.51 21.46 -6.69
CA LYS A 347 27.77 22.12 -7.77
C LYS A 347 26.28 22.20 -7.38
N GLY A 348 25.74 23.43 -7.44
CA GLY A 348 24.42 23.68 -6.90
C GLY A 348 23.26 23.24 -7.76
N GLY A 349 23.50 22.99 -9.04
CA GLY A 349 22.47 22.53 -9.95
C GLY A 349 22.42 21.04 -10.17
N SER A 350 23.34 20.27 -9.58
CA SER A 350 23.38 18.83 -9.79
C SER A 350 22.70 18.08 -8.66
N VAL A 351 21.79 17.16 -9.03
CA VAL A 351 21.20 16.24 -8.06
C VAL A 351 22.27 15.29 -7.52
N ARG A 352 23.18 14.85 -8.39
CA ARG A 352 24.27 13.99 -7.96
C ARG A 352 25.11 14.67 -6.88
N ASP A 353 25.41 15.96 -7.04
CA ASP A 353 26.22 16.63 -6.03
C ASP A 353 25.44 16.82 -4.74
N LEU A 354 24.14 17.07 -4.82
CA LEU A 354 23.31 17.08 -3.61
C LEU A 354 23.42 15.76 -2.87
N LEU A 355 23.38 14.64 -3.59
CA LEU A 355 23.49 13.34 -2.95
C LEU A 355 24.87 13.14 -2.33
N ARG A 356 25.92 13.62 -2.99
CA ARG A 356 27.27 13.50 -2.44
C ARG A 356 27.41 14.26 -1.12
N ALA A 357 26.89 15.49 -1.08
CA ALA A 357 26.95 16.26 0.16
C ALA A 357 26.24 15.53 1.29
N MET A 358 25.05 14.98 1.03
CA MET A 358 24.33 14.20 2.03
C MET A 358 25.16 13.03 2.50
N ARG A 359 25.63 12.21 1.54
CA ARG A 359 26.48 11.07 1.87
C ARG A 359 27.70 11.51 2.68
N ASN A 360 28.33 12.61 2.26
CA ASN A 360 29.52 13.11 2.95
C ASN A 360 29.19 13.44 4.41
N LYS A 361 28.12 14.20 4.64
CA LYS A 361 27.77 14.65 5.99
C LYS A 361 27.29 13.52 6.89
N LYS A 362 26.72 12.45 6.32
CA LYS A 362 26.34 11.31 7.14
C LYS A 362 27.57 10.50 7.56
N HIS A 363 28.48 10.27 6.64
CA HIS A 363 29.68 9.47 6.94
C HIS A 363 30.53 10.15 8.00
N HIS A 364 30.76 11.46 7.86
CA HIS A 364 31.58 12.21 8.80
C HIS A 364 30.74 12.92 9.85
N TYR A 365 29.54 12.41 10.16
CA TYR A 365 28.58 13.17 10.96
C TYR A 365 29.15 13.56 12.33
N ARG A 366 29.97 12.70 12.91
CA ARG A 366 30.50 12.97 14.24
C ARG A 366 31.80 13.79 14.22
N GLU A 367 32.36 14.03 13.04
CA GLU A 367 33.44 15.01 12.90
C GLU A 367 32.90 16.43 12.78
N LEU A 368 31.66 16.60 12.36
CA LEU A 368 31.15 17.94 12.09
C LEU A 368 31.03 18.74 13.38
N PRO A 369 31.14 20.07 13.31
CA PRO A 369 30.96 20.90 14.50
C PRO A 369 29.53 20.84 15.01
N ALA A 370 29.36 21.20 16.30
CA ALA A 370 28.08 21.03 16.96
C ALA A 370 26.97 21.84 16.28
N GLU A 371 27.34 22.95 15.63
CA GLU A 371 26.34 23.77 14.92
C GLU A 371 25.77 23.00 13.73
N VAL A 372 26.60 22.23 13.03
CA VAL A 372 26.13 21.49 11.86
C VAL A 372 25.34 20.25 12.30
N ARG A 373 25.79 19.57 13.36
CA ARG A 373 25.01 18.44 13.89
C ARG A 373 23.67 18.89 14.44
N GLU A 374 23.55 20.15 14.83
CA GLU A 374 22.31 20.66 15.41
C GLU A 374 21.22 20.86 14.36
N THR A 375 21.54 21.57 13.27
CA THR A 375 20.54 21.83 12.24
C THR A 375 20.18 20.58 11.45
N LEU A 376 21.06 19.58 11.41
CA LEU A 376 20.74 18.34 10.70
C LEU A 376 19.82 17.44 11.52
N GLY A 377 20.02 17.39 12.83
CA GLY A 377 19.33 16.42 13.65
C GLY A 377 20.09 15.10 13.71
N SER A 378 19.56 14.17 14.49
CA SER A 378 20.23 12.91 14.73
C SER A 378 20.11 11.99 13.51
N LEU A 379 21.09 11.07 13.40
CA LEU A 379 21.08 9.97 12.43
C LEU A 379 20.24 8.81 12.95
N PRO A 380 19.41 8.20 12.09
CA PRO A 380 19.23 8.56 10.68
C PRO A 380 17.97 9.37 10.40
N ASP A 381 17.02 9.35 11.34
CA ASP A 381 15.66 9.81 11.06
C ASP A 381 15.61 11.31 10.82
N ASP A 382 16.07 12.09 11.80
CA ASP A 382 16.04 13.55 11.64
C ASP A 382 16.93 13.99 10.49
N PHE A 383 18.11 13.36 10.36
CA PHE A 383 19.06 13.73 9.32
C PHE A 383 18.43 13.66 7.93
N VAL A 384 17.75 12.54 7.62
CA VAL A 384 17.20 12.38 6.29
C VAL A 384 15.99 13.30 6.08
N CYS A 385 15.23 13.56 7.14
CA CYS A 385 14.11 14.50 7.02
C CYS A 385 14.57 15.93 6.78
N TYR A 386 15.74 16.31 7.32
CA TYR A 386 16.32 17.60 6.98
C TYR A 386 16.34 17.80 5.48
N PHE A 387 16.63 16.73 4.73
CA PHE A 387 16.78 16.86 3.29
C PHE A 387 15.47 16.62 2.54
N THR A 388 14.70 15.59 2.90
CA THR A 388 13.45 15.33 2.18
C THR A 388 12.41 16.42 2.44
N SER A 389 12.45 17.06 3.63
CA SER A 389 11.54 18.18 3.87
C SER A 389 11.84 19.35 2.93
N ARG A 390 13.12 19.63 2.69
CA ARG A 390 13.52 20.77 1.88
C ARG A 390 13.60 20.46 0.39
N PHE A 391 13.70 19.18 0.03
CA PHE A 391 13.70 18.76 -1.38
C PHE A 391 12.65 17.67 -1.53
N PRO A 392 11.37 18.06 -1.56
CA PRO A 392 10.29 17.06 -1.54
C PRO A 392 10.28 16.10 -2.70
N HIS A 393 10.93 16.44 -3.82
CA HIS A 393 10.95 15.58 -4.99
C HIS A 393 12.22 14.75 -5.11
N LEU A 394 13.15 14.90 -4.17
CA LEU A 394 14.45 14.26 -4.34
C LEU A 394 14.34 12.74 -4.36
N LEU A 395 13.68 12.16 -3.35
CA LEU A 395 13.62 10.69 -3.28
C LEU A 395 12.85 10.12 -4.46
N ALA A 396 11.68 10.68 -4.76
CA ALA A 396 10.88 10.17 -5.87
C ALA A 396 11.66 10.24 -7.18
N HIS A 397 12.31 11.38 -7.41
CA HIS A 397 13.11 11.55 -8.64
C HIS A 397 14.25 10.55 -8.69
N THR A 398 15.02 10.47 -7.61
CA THR A 398 16.14 9.53 -7.57
C THR A 398 15.67 8.10 -7.74
N TYR A 399 14.53 7.75 -7.15
CA TYR A 399 14.02 6.39 -7.26
C TYR A 399 13.67 6.04 -8.70
N ARG A 400 13.08 6.99 -9.42
CA ARG A 400 12.72 6.73 -10.83
C ARG A 400 13.96 6.62 -11.70
N ALA A 401 14.92 7.53 -11.52
CA ALA A 401 16.09 7.55 -12.37
C ALA A 401 16.90 6.26 -12.22
N MET A 402 17.07 5.80 -10.99
CA MET A 402 17.90 4.63 -10.71
C MET A 402 17.18 3.31 -10.99
N GLU A 403 15.99 3.36 -11.60
CA GLU A 403 15.39 2.14 -12.14
C GLU A 403 16.34 1.45 -13.12
N LEU A 404 17.25 2.21 -13.73
CA LEU A 404 18.25 1.63 -14.61
C LEU A 404 19.07 0.57 -13.90
N CYS A 405 19.32 0.75 -12.60
CA CYS A 405 20.14 -0.18 -11.84
C CYS A 405 19.30 -1.17 -11.05
N SER A 406 18.01 -1.29 -11.35
CA SER A 406 17.10 -2.13 -10.57
C SER A 406 17.50 -3.60 -10.57
N HIS A 407 18.32 -4.03 -11.55
CA HIS A 407 18.72 -5.43 -11.64
C HIS A 407 20.00 -5.75 -10.88
N GLU A 408 20.84 -4.75 -10.61
CA GLU A 408 22.10 -4.99 -9.94
C GLU A 408 21.87 -5.47 -8.50
N ARG A 409 22.92 -6.08 -7.93
CA ARG A 409 22.80 -6.69 -6.61
C ARG A 409 22.57 -5.62 -5.54
N LEU A 410 23.30 -4.50 -5.62
CA LEU A 410 23.26 -3.51 -4.56
C LEU A 410 21.86 -2.95 -4.34
N PHE A 411 21.01 -2.97 -5.37
CA PHE A 411 19.72 -2.29 -5.32
C PHE A 411 18.53 -3.24 -5.22
N GLN A 412 18.76 -4.51 -4.88
CA GLN A 412 17.66 -5.43 -4.65
C GLN A 412 16.80 -5.12 -3.43
N PRO A 413 17.31 -4.47 -2.38
CA PRO A 413 16.41 -4.01 -1.32
C PRO A 413 15.42 -2.96 -1.76
N TYR A 414 15.62 -2.34 -2.92
CA TYR A 414 14.85 -1.16 -3.31
C TYR A 414 13.91 -1.38 -4.48
N TYR A 415 14.19 -2.36 -5.34
CA TYR A 415 13.35 -2.64 -6.50
C TYR A 415 12.99 -4.12 -6.50
N PHE A 416 11.84 -4.44 -7.07
CA PHE A 416 11.39 -5.81 -7.19
C PHE A 416 11.73 -6.33 -8.58
N HIS A 417 12.28 -7.54 -8.63
CA HIS A 417 12.62 -8.18 -9.90
C HIS A 417 11.61 -9.29 -10.22
#